data_8I80
#
_entry.id   8I80
#
_cell.length_a   82.299
_cell.length_b   86.937
_cell.length_c   87.015
_cell.angle_alpha   90.00
_cell.angle_beta   90.00
_cell.angle_gamma   90.00
#
_symmetry.space_group_name_H-M   'P 21 21 21'
#
loop_
_entity.id
_entity.type
_entity.pdbx_description
1 polymer 'Viomycin kinase'
2 non-polymer DI(HYDROXYETHYL)ETHER
3 non-polymer 'ACETATE ION'
4 water water
#
_entity_poly.entity_id   1
_entity_poly.type   'polypeptide(L)'
_entity_poly.pdbx_seq_one_letter_code
;MGILQANRVLLSRLLPGVEPEGLTVRHGQFHQVVIASDRVVCLPRTAAAAARLPRRAAVMRVLAGLDLGCRTPRPLCEGS
AEGAVELPFLVLSRVPGAPLEADALEDSKVAEVVAAQYVTLLSGLASAGADEKVRAALPAPQGRWRQFAADVRAELFPLM
SDGGCRQAERELAALDSLPDITEAVVHGNLGAENVLWVRDDGLPRLSGVIDWDEVSIGDPAEDLAAIGAGYGKDFLDQVL
TLGGWSDRRMATRIATIRATFALQQALSACRDGDEEELADGLTGYR
;
_entity_poly.pdbx_strand_id   B,A
#
# COMPACT_ATOMS: atom_id res chain seq x y z
N GLY A 2 23.16 -21.61 -4.96
CA GLY A 2 22.44 -20.34 -5.19
C GLY A 2 20.95 -20.49 -4.90
N ILE A 3 20.46 -19.63 -4.00
CA ILE A 3 19.04 -19.61 -3.65
C ILE A 3 18.24 -19.14 -4.86
N LEU A 4 18.86 -18.32 -5.72
CA LEU A 4 18.28 -17.84 -6.96
C LEU A 4 18.27 -18.93 -8.03
N GLN A 5 19.36 -19.72 -8.09
CA GLN A 5 19.49 -20.82 -9.03
C GLN A 5 18.50 -21.93 -8.67
N ALA A 6 18.50 -22.34 -7.40
CA ALA A 6 17.57 -23.36 -6.91
C ALA A 6 16.13 -23.05 -7.32
N ASN A 7 15.76 -21.77 -7.34
CA ASN A 7 14.37 -21.36 -7.47
C ASN A 7 14.09 -20.70 -8.83
N ARG A 8 14.91 -21.04 -9.83
CA ARG A 8 14.95 -20.37 -11.12
C ARG A 8 13.59 -20.39 -11.82
N VAL A 9 12.96 -21.59 -11.85
CA VAL A 9 11.74 -21.79 -12.63
C VAL A 9 10.59 -20.97 -12.05
N LEU A 10 10.42 -21.00 -10.73
CA LEU A 10 9.35 -20.29 -10.07
C LEU A 10 9.48 -18.77 -10.28
N LEU A 11 10.71 -18.25 -10.20
CA LEU A 11 10.91 -16.81 -10.33
C LEU A 11 10.61 -16.35 -11.77
N SER A 12 10.94 -17.18 -12.76
CA SER A 12 10.62 -16.83 -14.15
C SER A 12 9.12 -16.67 -14.36
N ARG A 13 8.30 -17.34 -13.54
CA ARG A 13 6.84 -17.21 -13.59
C ARG A 13 6.36 -15.95 -12.87
N LEU A 14 6.94 -15.63 -11.71
CA LEU A 14 6.53 -14.49 -10.91
C LEU A 14 7.08 -13.19 -11.49
N LEU A 15 8.28 -13.27 -12.08
CA LEU A 15 8.98 -12.11 -12.63
C LEU A 15 9.31 -12.39 -14.09
N PRO A 16 8.32 -12.51 -14.98
CA PRO A 16 8.58 -12.88 -16.38
C PRO A 16 9.50 -11.86 -17.03
N GLY A 17 10.59 -12.38 -17.61
CA GLY A 17 11.54 -11.59 -18.39
C GLY A 17 12.61 -10.91 -17.54
N VAL A 18 12.76 -11.32 -16.27
CA VAL A 18 13.78 -10.76 -15.41
C VAL A 18 14.86 -11.83 -15.19
N GLU A 19 16.13 -11.44 -15.35
CA GLU A 19 17.24 -12.34 -15.11
C GLU A 19 17.39 -12.52 -13.60
N PRO A 20 17.13 -13.73 -13.04
CA PRO A 20 17.23 -13.94 -11.59
C PRO A 20 18.62 -13.72 -11.00
N GLU A 21 19.68 -13.89 -11.82
CA GLU A 21 21.06 -13.64 -11.44
C GLU A 21 21.25 -12.18 -11.03
N GLY A 22 20.49 -11.26 -11.66
CA GLY A 22 20.58 -9.84 -11.36
C GLY A 22 19.80 -9.41 -10.11
N LEU A 23 19.11 -10.33 -9.44
CA LEU A 23 18.29 -9.99 -8.28
C LEU A 23 19.11 -10.10 -7.00
N THR A 24 18.54 -9.59 -5.90
CA THR A 24 19.16 -9.59 -4.58
C THR A 24 18.34 -10.47 -3.64
N VAL A 25 18.96 -10.87 -2.52
CA VAL A 25 18.37 -11.77 -1.54
C VAL A 25 18.71 -11.28 -0.14
N ARG A 26 17.70 -11.13 0.74
CA ARG A 26 17.94 -11.05 2.17
C ARG A 26 17.50 -12.37 2.81
N HIS A 27 18.23 -12.79 3.85
CA HIS A 27 17.93 -14.03 4.54
C HIS A 27 16.99 -13.74 5.70
N GLY A 28 15.95 -14.56 5.82
CA GLY A 28 15.09 -14.56 6.99
C GLY A 28 15.28 -15.85 7.77
N GLN A 29 14.68 -15.91 8.96
CA GLN A 29 14.71 -17.11 9.81
C GLN A 29 13.96 -18.23 9.11
N PHE A 30 12.78 -17.90 8.57
CA PHE A 30 11.84 -18.88 8.04
C PHE A 30 11.88 -18.90 6.52
N HIS A 31 12.03 -17.72 5.91
CA HIS A 31 11.94 -17.60 4.46
C HIS A 31 13.06 -16.72 3.92
N GLN A 32 13.45 -16.99 2.67
CA GLN A 32 14.38 -16.19 1.90
C GLN A 32 13.59 -15.19 1.06
N VAL A 33 13.95 -13.90 1.15
CA VAL A 33 13.22 -12.86 0.44
C VAL A 33 14.04 -12.42 -0.79
N VAL A 34 13.48 -12.66 -1.97
CA VAL A 34 14.09 -12.26 -3.22
C VAL A 34 13.60 -10.87 -3.59
N ILE A 35 14.51 -9.96 -3.95
CA ILE A 35 14.20 -8.56 -4.08
C ILE A 35 14.30 -8.15 -5.53
N ALA A 36 13.16 -7.76 -6.11
CA ALA A 36 13.09 -7.22 -7.46
C ALA A 36 12.78 -5.73 -7.38
N SER A 37 12.54 -5.09 -8.52
CA SER A 37 12.54 -3.64 -8.59
C SER A 37 11.34 -3.02 -7.87
N ASP A 38 10.16 -3.65 -7.96
CA ASP A 38 8.93 -3.06 -7.44
C ASP A 38 8.26 -3.97 -6.40
N ARG A 39 8.87 -5.12 -6.12
CA ARG A 39 8.23 -6.13 -5.29
C ARG A 39 9.28 -7.12 -4.79
N VAL A 40 8.87 -7.89 -3.79
CA VAL A 40 9.69 -8.86 -3.09
C VAL A 40 8.98 -10.21 -3.09
N VAL A 41 9.74 -11.31 -3.21
CA VAL A 41 9.19 -12.67 -3.19
C VAL A 41 9.74 -13.44 -2.00
N CYS A 42 8.88 -13.78 -1.03
CA CYS A 42 9.29 -14.63 0.08
C CYS A 42 9.23 -16.09 -0.37
N LEU A 43 10.32 -16.83 -0.18
CA LEU A 43 10.36 -18.25 -0.49
C LEU A 43 10.61 -19.01 0.80
N PRO A 44 9.72 -19.94 1.21
CA PRO A 44 9.89 -20.65 2.48
C PRO A 44 11.10 -21.60 2.42
N ARG A 45 11.88 -21.63 3.50
CA ARG A 45 13.07 -22.44 3.63
C ARG A 45 12.70 -23.87 4.04
N THR A 46 11.62 -24.00 4.81
CA THR A 46 11.12 -25.27 5.29
C THR A 46 9.61 -25.33 5.09
N ALA A 47 9.06 -26.55 5.20
CA ALA A 47 7.62 -26.77 5.13
C ALA A 47 6.89 -25.97 6.20
N ALA A 48 7.46 -25.93 7.42
CA ALA A 48 6.87 -25.19 8.53
C ALA A 48 6.80 -23.70 8.19
N ALA A 49 7.80 -23.21 7.45
CA ALA A 49 7.84 -21.84 6.99
C ALA A 49 6.74 -21.59 5.96
N ALA A 50 6.52 -22.59 5.09
CA ALA A 50 5.50 -22.55 4.06
C ALA A 50 4.11 -22.44 4.69
N ALA A 51 3.91 -23.19 5.79
CA ALA A 51 2.66 -23.22 6.53
C ALA A 51 2.43 -21.92 7.31
N ARG A 52 3.49 -21.10 7.45
CA ARG A 52 3.42 -19.82 8.12
C ARG A 52 2.96 -18.69 7.18
N LEU A 53 3.11 -18.86 5.85
CA LEU A 53 2.94 -17.74 4.92
C LEU A 53 1.48 -17.32 4.81
N PRO A 54 0.49 -18.24 4.92
CA PRO A 54 -0.91 -17.83 4.97
C PRO A 54 -1.19 -16.83 6.10
N ARG A 55 -0.59 -17.04 7.29
CA ARG A 55 -0.77 -16.08 8.37
C ARG A 55 0.00 -14.79 8.06
N ARG A 56 1.18 -14.89 7.41
CA ARG A 56 1.94 -13.73 7.01
C ARG A 56 1.11 -12.85 6.07
N ALA A 57 0.42 -13.45 5.10
CA ALA A 57 -0.35 -12.65 4.16
C ALA A 57 -1.39 -11.82 4.92
N ALA A 58 -2.04 -12.46 5.92
CA ALA A 58 -3.05 -11.79 6.73
C ALA A 58 -2.44 -10.66 7.55
N VAL A 59 -1.34 -10.96 8.24
CA VAL A 59 -0.64 -9.96 9.04
C VAL A 59 -0.32 -8.75 8.17
N MET A 60 0.20 -8.98 6.96
CA MET A 60 0.68 -7.88 6.16
C MET A 60 -0.50 -7.07 5.65
N ARG A 61 -1.64 -7.73 5.43
CA ARG A 61 -2.86 -7.05 5.00
C ARG A 61 -3.40 -6.17 6.13
N VAL A 62 -3.32 -6.63 7.38
CA VAL A 62 -3.74 -5.86 8.53
C VAL A 62 -2.87 -4.61 8.68
N LEU A 63 -1.55 -4.77 8.51
CA LEU A 63 -0.63 -3.64 8.62
C LEU A 63 -0.91 -2.61 7.54
N ALA A 64 -1.24 -3.08 6.32
CA ALA A 64 -1.51 -2.21 5.20
C ALA A 64 -2.70 -1.30 5.48
N GLY A 65 -3.59 -1.69 6.40
CA GLY A 65 -4.76 -0.88 6.73
C GLY A 65 -4.59 0.02 7.95
N LEU A 66 -3.43 0.02 8.61
CA LEU A 66 -3.24 0.86 9.79
C LEU A 66 -2.94 2.30 9.37
N ASP A 67 -3.13 3.22 10.34
CA ASP A 67 -2.81 4.64 10.21
C ASP A 67 -1.44 4.92 10.82
N LEU A 68 -0.39 4.69 10.01
CA LEU A 68 0.98 4.81 10.46
C LEU A 68 1.66 6.06 9.89
N GLY A 69 0.98 6.74 8.95
CA GLY A 69 1.56 7.90 8.28
C GLY A 69 2.55 7.53 7.18
N CYS A 70 2.66 6.23 6.81
CA CYS A 70 3.63 5.78 5.83
C CYS A 70 3.16 4.51 5.16
N ARG A 71 4.00 3.99 4.26
CA ARG A 71 3.69 2.74 3.57
C ARG A 71 4.28 1.55 4.32
N THR A 72 3.78 0.36 3.94
CA THR A 72 4.25 -0.93 4.42
C THR A 72 4.20 -1.91 3.24
N PRO A 73 4.97 -3.02 3.25
CA PRO A 73 4.95 -4.00 2.17
C PRO A 73 3.57 -4.63 2.08
N ARG A 74 2.92 -4.40 0.94
CA ARG A 74 1.55 -4.81 0.70
C ARG A 74 1.52 -6.21 0.10
N PRO A 75 0.73 -7.17 0.65
CA PRO A 75 0.60 -8.49 0.04
C PRO A 75 -0.09 -8.39 -1.32
N LEU A 76 0.58 -8.94 -2.33
CA LEU A 76 0.09 -8.94 -3.70
C LEU A 76 -0.60 -10.26 -4.04
N CYS A 77 -0.97 -11.07 -3.04
CA CYS A 77 -1.73 -12.29 -3.27
C CYS A 77 -3.23 -12.00 -3.25
N GLU A 78 -4.04 -12.99 -3.63
CA GLU A 78 -5.48 -12.87 -3.39
C GLU A 78 -5.74 -13.16 -1.91
N GLY A 79 -6.84 -12.58 -1.40
CA GLY A 79 -7.25 -12.72 0.00
C GLY A 79 -7.45 -14.17 0.42
N SER A 80 -7.91 -15.00 -0.53
CA SER A 80 -8.23 -16.39 -0.27
C SER A 80 -6.96 -17.15 0.15
N ALA A 81 -5.78 -16.63 -0.23
CA ALA A 81 -4.49 -17.21 0.14
C ALA A 81 -4.35 -17.42 1.64
N GLU A 82 -5.03 -16.57 2.44
CA GLU A 82 -4.93 -16.61 3.88
C GLU A 82 -5.60 -17.88 4.42
N GLY A 83 -6.49 -18.49 3.60
CA GLY A 83 -7.19 -19.69 4.01
C GLY A 83 -6.42 -20.98 3.71
N ALA A 84 -5.26 -20.84 3.06
CA ALA A 84 -4.50 -22.01 2.64
C ALA A 84 -3.76 -22.63 3.83
N VAL A 85 -3.41 -23.91 3.66
CA VAL A 85 -2.59 -24.62 4.64
C VAL A 85 -1.15 -24.12 4.57
N GLU A 86 -0.76 -23.65 3.39
CA GLU A 86 0.64 -23.55 3.02
C GLU A 86 0.70 -22.73 1.73
N LEU A 87 1.66 -21.81 1.61
CA LEU A 87 1.91 -21.15 0.34
C LEU A 87 3.36 -21.43 -0.07
N PRO A 88 3.62 -21.67 -1.37
CA PRO A 88 4.98 -21.89 -1.85
C PRO A 88 5.80 -20.61 -2.03
N PHE A 89 5.13 -19.46 -1.97
CA PHE A 89 5.76 -18.14 -2.03
C PHE A 89 4.77 -17.10 -1.56
N LEU A 90 5.26 -15.88 -1.26
CA LEU A 90 4.40 -14.74 -0.98
C LEU A 90 5.05 -13.48 -1.53
N VAL A 91 4.31 -12.75 -2.38
CA VAL A 91 4.78 -11.55 -3.05
C VAL A 91 4.24 -10.34 -2.29
N LEU A 92 5.12 -9.36 -2.02
CA LEU A 92 4.78 -8.13 -1.35
C LEU A 92 5.31 -6.96 -2.19
N SER A 93 4.61 -5.81 -2.12
CA SER A 93 5.11 -4.60 -2.74
C SER A 93 6.41 -4.16 -2.07
N ARG A 94 7.26 -3.48 -2.82
CA ARG A 94 8.48 -2.94 -2.27
C ARG A 94 8.24 -1.48 -1.86
N VAL A 95 8.57 -1.13 -0.62
CA VAL A 95 8.49 0.24 -0.16
C VAL A 95 9.63 1.05 -0.78
N PRO A 96 9.40 2.26 -1.34
CA PRO A 96 10.48 3.13 -1.81
C PRO A 96 11.19 3.90 -0.70
N GLY A 97 12.40 4.39 -1.00
CA GLY A 97 13.18 5.26 -0.12
C GLY A 97 14.45 4.57 0.35
N ALA A 98 15.22 5.24 1.23
CA ALA A 98 16.47 4.67 1.76
C ALA A 98 16.60 4.95 3.25
N PRO A 99 17.41 4.15 3.97
CA PRO A 99 17.73 4.45 5.37
C PRO A 99 18.30 5.87 5.59
N LEU A 100 18.05 6.45 6.76
CA LEU A 100 18.64 7.73 7.11
C LEU A 100 19.84 7.49 8.00
N GLU A 101 21.02 7.95 7.54
CA GLU A 101 22.24 7.84 8.33
C GLU A 101 22.19 8.86 9.47
N ALA A 102 22.75 8.45 10.61
CA ALA A 102 22.71 9.19 11.87
C ALA A 102 23.22 10.62 11.69
N ASP A 103 24.19 10.81 10.78
CA ASP A 103 24.80 12.10 10.56
C ASP A 103 23.76 13.15 10.23
N ALA A 104 22.68 12.78 9.52
CA ALA A 104 21.69 13.76 9.10
C ALA A 104 20.94 14.34 10.29
N LEU A 105 20.99 13.67 11.44
CA LEU A 105 20.32 14.17 12.64
C LEU A 105 21.13 15.26 13.35
N GLU A 106 22.33 15.58 12.86
CA GLU A 106 23.13 16.64 13.46
C GLU A 106 22.53 18.00 13.13
N ASP A 107 21.82 18.10 12.00
CA ASP A 107 21.03 19.29 11.70
C ASP A 107 19.76 19.27 12.54
N SER A 108 19.54 20.32 13.31
CA SER A 108 18.52 20.38 14.35
C SER A 108 17.10 20.27 13.77
N LYS A 109 16.85 20.91 12.62
CA LYS A 109 15.50 20.96 12.07
C LYS A 109 15.16 19.64 11.38
N VAL A 110 16.18 18.92 10.89
CA VAL A 110 16.02 17.57 10.36
C VAL A 110 15.62 16.65 11.50
N ALA A 111 16.35 16.72 12.62
CA ALA A 111 16.12 15.86 13.76
C ALA A 111 14.67 16.02 14.21
N GLU A 112 14.18 17.26 14.22
CA GLU A 112 12.83 17.55 14.66
C GLU A 112 11.79 16.90 13.75
N VAL A 113 12.02 17.01 12.43
CA VAL A 113 11.08 16.52 11.44
C VAL A 113 11.09 14.99 11.41
N VAL A 114 12.28 14.40 11.55
CA VAL A 114 12.45 12.97 11.61
C VAL A 114 11.80 12.40 12.88
N ALA A 115 12.03 13.05 14.03
CA ALA A 115 11.44 12.59 15.28
C ALA A 115 9.91 12.67 15.20
N ALA A 116 9.38 13.76 14.61
CA ALA A 116 7.94 13.94 14.51
C ALA A 116 7.31 12.77 13.76
N GLN A 117 7.97 12.31 12.69
CA GLN A 117 7.41 11.28 11.82
C GLN A 117 7.56 9.91 12.48
N TYR A 118 8.65 9.67 13.23
CA TYR A 118 8.74 8.51 14.11
C TYR A 118 7.60 8.49 15.11
N VAL A 119 7.21 9.65 15.65
CA VAL A 119 6.12 9.70 16.62
C VAL A 119 4.80 9.31 15.97
N THR A 120 4.56 9.75 14.73
CA THR A 120 3.34 9.40 14.02
C THR A 120 3.25 7.88 13.83
N LEU A 121 4.35 7.26 13.41
CA LEU A 121 4.41 5.83 13.16
C LEU A 121 4.12 5.10 14.46
N LEU A 122 4.83 5.48 15.52
CA LEU A 122 4.74 4.75 16.77
C LEU A 122 3.38 4.98 17.42
N SER A 123 2.83 6.18 17.24
CA SER A 123 1.53 6.50 17.80
C SER A 123 0.46 5.60 17.17
N GLY A 124 0.56 5.47 15.84
CA GLY A 124 -0.32 4.60 15.08
C GLY A 124 -0.19 3.14 15.49
N LEU A 125 1.04 2.67 15.72
CA LEU A 125 1.25 1.30 16.17
C LEU A 125 0.68 1.10 17.56
N ALA A 126 0.87 2.09 18.44
CA ALA A 126 0.38 2.01 19.81
C ALA A 126 -1.14 1.89 19.80
N SER A 127 -1.80 2.80 19.09
CA SER A 127 -3.26 2.82 19.11
C SER A 127 -3.82 1.56 18.44
N ALA A 128 -3.18 1.07 17.37
CA ALA A 128 -3.64 -0.17 16.74
C ALA A 128 -3.53 -1.36 17.70
N GLY A 129 -2.60 -1.30 18.65
CA GLY A 129 -2.44 -2.36 19.63
C GLY A 129 -3.56 -2.39 20.68
N ALA A 130 -4.39 -1.33 20.72
CA ALA A 130 -5.57 -1.31 21.58
C ALA A 130 -6.82 -1.71 20.81
N ASP A 131 -6.67 -2.09 19.54
CA ASP A 131 -7.78 -2.54 18.71
C ASP A 131 -7.90 -4.06 18.84
N GLU A 132 -9.10 -4.54 19.17
CA GLU A 132 -9.28 -5.96 19.48
C GLU A 132 -9.14 -6.82 18.23
N LYS A 133 -9.47 -6.29 17.05
CA LYS A 133 -9.37 -7.08 15.82
C LYS A 133 -7.90 -7.22 15.42
N VAL A 134 -7.12 -6.16 15.65
CA VAL A 134 -5.69 -6.16 15.37
C VAL A 134 -5.02 -7.15 16.31
N ARG A 135 -5.34 -7.06 17.60
CA ARG A 135 -4.72 -7.90 18.62
C ARG A 135 -4.99 -9.37 18.36
N ALA A 136 -6.13 -9.67 17.72
CA ALA A 136 -6.54 -11.04 17.43
C ALA A 136 -5.83 -11.59 16.18
N ALA A 137 -5.31 -10.71 15.31
CA ALA A 137 -4.64 -11.13 14.09
C ALA A 137 -3.13 -11.27 14.28
N LEU A 138 -2.55 -10.70 15.34
CA LEU A 138 -1.10 -10.68 15.47
C LEU A 138 -0.68 -11.58 16.63
N PRO A 139 0.53 -12.18 16.56
CA PRO A 139 1.04 -12.98 17.67
C PRO A 139 1.24 -12.12 18.92
N ALA A 140 1.05 -12.73 20.09
CA ALA A 140 1.25 -12.05 21.35
C ALA A 140 1.83 -13.02 22.38
N PRO A 141 3.09 -13.48 22.22
CA PRO A 141 3.68 -14.44 23.14
C PRO A 141 3.90 -13.86 24.54
N GLN A 142 3.93 -14.75 25.53
CA GLN A 142 4.17 -14.40 26.92
C GLN A 142 5.59 -14.83 27.29
N GLY A 143 6.16 -14.15 28.28
CA GLY A 143 7.51 -14.43 28.74
C GLY A 143 8.54 -14.39 27.62
N ARG A 144 8.40 -13.45 26.67
CA ARG A 144 9.31 -13.41 25.52
C ARG A 144 10.72 -13.00 25.97
N TRP A 145 10.82 -12.21 27.03
CA TRP A 145 12.11 -11.72 27.50
C TRP A 145 12.95 -12.81 28.14
N ARG A 146 12.31 -13.56 29.04
CA ARG A 146 12.91 -14.68 29.74
C ARG A 146 13.37 -15.72 28.72
N GLN A 147 12.51 -16.01 27.72
CA GLN A 147 12.80 -16.98 26.67
C GLN A 147 13.85 -16.46 25.69
N PHE A 148 13.89 -15.13 25.44
CA PHE A 148 14.93 -14.56 24.59
C PHE A 148 16.29 -14.76 25.27
N ALA A 149 16.33 -14.53 26.58
CA ALA A 149 17.52 -14.73 27.38
C ALA A 149 18.02 -16.17 27.20
N ALA A 150 17.13 -17.16 27.32
CA ALA A 150 17.53 -18.55 27.22
C ALA A 150 18.16 -18.82 25.85
N ASP A 151 17.54 -18.25 24.80
CA ASP A 151 17.99 -18.45 23.42
C ASP A 151 19.36 -17.83 23.21
N VAL A 152 19.62 -16.67 23.83
CA VAL A 152 20.94 -16.05 23.73
C VAL A 152 21.98 -16.96 24.38
N ARG A 153 21.68 -17.50 25.57
CA ARG A 153 22.62 -18.35 26.30
C ARG A 153 22.88 -19.64 25.52
N ALA A 154 21.84 -20.20 24.87
CA ALA A 154 21.93 -21.46 24.17
C ALA A 154 22.66 -21.28 22.83
N GLU A 155 22.38 -20.19 22.11
CA GLU A 155 22.79 -20.09 20.71
C GLU A 155 23.95 -19.13 20.51
N LEU A 156 24.13 -18.15 21.41
CA LEU A 156 25.15 -17.13 21.16
C LEU A 156 26.36 -17.28 22.08
N PHE A 157 26.14 -17.69 23.34
CA PHE A 157 27.22 -17.82 24.30
C PHE A 157 28.36 -18.68 23.76
N PRO A 158 28.10 -19.84 23.12
CA PRO A 158 29.16 -20.61 22.48
C PRO A 158 30.08 -19.84 21.52
N LEU A 159 29.60 -18.72 20.98
CA LEU A 159 30.37 -17.93 20.02
C LEU A 159 31.09 -16.76 20.71
N MET A 160 30.93 -16.64 22.04
CA MET A 160 31.40 -15.47 22.75
C MET A 160 32.67 -15.81 23.56
N SER A 161 33.35 -14.77 24.05
CA SER A 161 34.37 -14.91 25.08
C SER A 161 33.72 -15.04 26.45
N ASP A 162 34.53 -15.37 27.45
CA ASP A 162 34.09 -15.42 28.83
C ASP A 162 33.72 -14.03 29.31
N GLY A 163 34.45 -13.01 28.83
CA GLY A 163 34.17 -11.63 29.17
C GLY A 163 32.85 -11.17 28.56
N GLY A 164 32.65 -11.51 27.29
CA GLY A 164 31.40 -11.31 26.57
C GLY A 164 30.22 -12.01 27.26
N CYS A 165 30.41 -13.25 27.70
CA CYS A 165 29.37 -13.97 28.41
C CYS A 165 28.98 -13.26 29.70
N ARG A 166 29.93 -12.56 30.35
CA ARG A 166 29.66 -11.91 31.63
C ARG A 166 28.97 -10.57 31.40
N GLN A 167 29.35 -9.85 30.33
CA GLN A 167 28.65 -8.65 29.92
C GLN A 167 27.20 -8.98 29.58
N ALA A 168 26.99 -10.07 28.83
CA ALA A 168 25.66 -10.44 28.37
C ALA A 168 24.79 -10.88 29.55
N GLU A 169 25.39 -11.55 30.55
CA GLU A 169 24.64 -12.07 31.69
C GLU A 169 24.00 -10.91 32.46
N ARG A 170 24.72 -9.80 32.63
CA ARG A 170 24.19 -8.66 33.35
C ARG A 170 22.99 -8.13 32.55
N GLU A 171 23.17 -7.99 31.23
CA GLU A 171 22.18 -7.41 30.35
C GLU A 171 20.89 -8.23 30.37
N LEU A 172 21.03 -9.56 30.39
CA LEU A 172 19.91 -10.49 30.26
C LEU A 172 19.15 -10.68 31.58
N ALA A 173 19.84 -10.51 32.71
CA ALA A 173 19.23 -10.74 34.01
C ALA A 173 18.26 -9.60 34.34
N ALA A 174 18.59 -8.39 33.87
CA ALA A 174 17.74 -7.22 34.00
C ALA A 174 16.38 -7.47 33.36
N LEU A 175 16.36 -8.29 32.29
CA LEU A 175 15.13 -8.60 31.55
C LEU A 175 14.06 -9.23 32.43
N ASP A 176 14.45 -10.14 33.32
CA ASP A 176 13.49 -10.88 34.15
C ASP A 176 12.59 -9.93 34.93
N SER A 177 13.10 -8.72 35.23
CA SER A 177 12.37 -7.75 36.02
C SER A 177 11.44 -6.89 35.16
N LEU A 178 11.44 -7.08 33.82
CA LEU A 178 10.60 -6.27 32.96
C LEU A 178 9.16 -6.71 33.14
N PRO A 179 8.21 -5.76 33.32
CA PRO A 179 6.80 -6.08 33.16
C PRO A 179 6.61 -6.69 31.77
N ASP A 180 5.68 -7.65 31.65
CA ASP A 180 5.41 -8.27 30.36
C ASP A 180 4.22 -7.58 29.69
N ILE A 181 4.55 -6.55 28.89
CA ILE A 181 3.59 -5.59 28.34
C ILE A 181 3.19 -6.04 26.93
N THR A 182 1.87 -6.15 26.70
CA THR A 182 1.31 -6.49 25.41
C THR A 182 0.28 -5.45 24.99
N GLU A 183 0.76 -4.22 24.72
CA GLU A 183 -0.13 -3.08 24.55
C GLU A 183 -0.07 -2.49 23.14
N ALA A 184 1.08 -2.55 22.45
CA ALA A 184 1.23 -1.87 21.18
C ALA A 184 1.45 -2.90 20.07
N VAL A 185 1.18 -2.52 18.82
CA VAL A 185 1.79 -3.23 17.73
C VAL A 185 3.29 -2.91 17.78
N VAL A 186 4.11 -3.97 17.81
CA VAL A 186 5.55 -3.80 17.95
C VAL A 186 6.21 -4.42 16.72
N HIS A 187 6.94 -3.58 15.97
CA HIS A 187 7.62 -4.00 14.77
C HIS A 187 8.61 -5.10 15.12
N GLY A 188 9.49 -4.77 16.09
CA GLY A 188 10.34 -5.76 16.74
C GLY A 188 11.76 -5.80 16.18
N ASN A 189 12.02 -5.05 15.11
CA ASN A 189 13.36 -4.92 14.58
C ASN A 189 13.44 -3.58 13.87
N LEU A 190 13.07 -2.51 14.59
CA LEU A 190 12.93 -1.18 14.00
C LEU A 190 14.25 -0.41 14.01
N GLY A 191 15.33 -1.06 13.54
CA GLY A 191 16.60 -0.38 13.30
C GLY A 191 16.47 0.56 12.10
N ALA A 192 17.46 1.45 11.94
CA ALA A 192 17.42 2.47 10.91
C ALA A 192 17.33 1.87 9.51
N GLU A 193 17.91 0.67 9.32
CA GLU A 193 17.93 0.02 8.03
C GLU A 193 16.50 -0.34 7.58
N ASN A 194 15.56 -0.55 8.52
CA ASN A 194 14.21 -0.95 8.16
C ASN A 194 13.25 0.24 8.04
N VAL A 195 13.80 1.46 8.14
CA VAL A 195 12.98 2.66 8.11
C VAL A 195 13.47 3.53 6.96
N LEU A 196 12.58 3.79 6.00
CA LEU A 196 12.96 4.30 4.70
C LEU A 196 12.36 5.69 4.47
N TRP A 197 13.19 6.59 3.91
CA TRP A 197 12.88 8.01 3.79
C TRP A 197 13.07 8.44 2.34
N VAL A 198 12.37 9.49 1.93
CA VAL A 198 12.65 10.20 0.69
C VAL A 198 13.31 11.54 1.04
N ARG A 199 14.42 11.86 0.37
CA ARG A 199 15.13 13.11 0.60
C ARG A 199 15.41 13.81 -0.74
N ASP A 200 14.41 13.81 -1.62
CA ASP A 200 14.64 14.22 -3.00
C ASP A 200 14.18 15.66 -3.19
N ASP A 201 13.04 16.05 -2.59
CA ASP A 201 12.53 17.40 -2.80
C ASP A 201 12.52 18.23 -1.51
N GLY A 202 12.98 17.71 -0.36
CA GLY A 202 13.09 18.57 0.82
C GLY A 202 13.74 17.90 2.04
N LEU A 203 13.23 18.24 3.24
CA LEU A 203 13.64 17.53 4.45
C LEU A 203 13.14 16.09 4.38
N PRO A 204 13.76 15.14 5.13
CA PRO A 204 13.36 13.74 5.04
C PRO A 204 11.88 13.51 5.35
N ARG A 205 11.28 12.69 4.49
CA ARG A 205 9.87 12.31 4.64
C ARG A 205 9.87 10.78 4.76
N LEU A 206 9.17 10.26 5.75
CA LEU A 206 9.10 8.83 6.01
C LEU A 206 8.27 8.18 4.90
N SER A 207 8.90 7.29 4.13
CA SER A 207 8.20 6.69 2.99
C SER A 207 7.57 5.38 3.46
N GLY A 208 8.33 4.56 4.19
CA GLY A 208 7.72 3.39 4.78
C GLY A 208 8.66 2.59 5.66
N VAL A 209 8.13 1.46 6.13
CA VAL A 209 8.84 0.58 7.04
C VAL A 209 8.79 -0.83 6.46
N ILE A 210 9.93 -1.51 6.50
CA ILE A 210 10.06 -2.85 5.94
C ILE A 210 10.46 -3.81 7.07
N ASP A 211 10.48 -5.10 6.74
CA ASP A 211 11.04 -6.19 7.56
C ASP A 211 10.19 -6.35 8.82
N TRP A 212 8.95 -6.81 8.60
CA TRP A 212 7.97 -6.96 9.65
C TRP A 212 7.92 -8.37 10.21
N ASP A 213 8.93 -9.21 9.94
CA ASP A 213 8.92 -10.62 10.33
C ASP A 213 8.65 -10.83 11.82
N GLU A 214 9.04 -9.88 12.69
CA GLU A 214 8.99 -10.12 14.12
C GLU A 214 7.83 -9.36 14.78
N VAL A 215 6.87 -8.92 13.96
CA VAL A 215 5.80 -8.06 14.44
C VAL A 215 4.90 -8.83 15.41
N SER A 216 4.43 -8.11 16.42
CA SER A 216 3.63 -8.70 17.48
C SER A 216 2.88 -7.62 18.23
N ILE A 217 2.01 -8.08 19.13
CA ILE A 217 1.50 -7.25 20.21
C ILE A 217 2.50 -7.37 21.33
N GLY A 218 3.03 -6.22 21.74
CA GLY A 218 4.17 -6.22 22.63
C GLY A 218 4.27 -4.92 23.42
N ASP A 219 5.52 -4.59 23.77
CA ASP A 219 5.86 -3.43 24.57
C ASP A 219 6.48 -2.41 23.61
N PRO A 220 5.92 -1.18 23.50
CA PRO A 220 6.45 -0.17 22.58
C PRO A 220 7.91 0.20 22.90
N ALA A 221 8.35 -0.06 24.14
CA ALA A 221 9.72 0.17 24.55
C ALA A 221 10.71 -0.61 23.69
N GLU A 222 10.29 -1.74 23.11
CA GLU A 222 11.15 -2.52 22.23
C GLU A 222 11.50 -1.73 20.96
N ASP A 223 10.51 -1.03 20.38
CA ASP A 223 10.75 -0.26 19.17
C ASP A 223 11.53 1.03 19.50
N LEU A 224 11.23 1.63 20.66
CA LEU A 224 11.91 2.86 21.03
C LEU A 224 13.37 2.60 21.38
N ALA A 225 13.67 1.41 21.95
CA ALA A 225 15.04 0.97 22.22
C ALA A 225 15.84 0.81 20.92
N ALA A 226 15.20 0.24 19.89
CA ALA A 226 15.85 0.04 18.59
C ALA A 226 16.27 1.39 18.03
N ILE A 227 15.37 2.37 18.09
CA ILE A 227 15.67 3.72 17.64
C ILE A 227 16.84 4.32 18.44
N GLY A 228 16.82 4.14 19.76
CA GLY A 228 17.87 4.66 20.65
C GLY A 228 19.22 3.99 20.41
N ALA A 229 19.22 2.67 20.19
CA ALA A 229 20.42 1.96 19.79
C ALA A 229 21.06 2.58 18.55
N GLY A 230 20.26 2.94 17.55
CA GLY A 230 20.80 3.40 16.27
C GLY A 230 21.18 4.89 16.27
N TYR A 231 20.47 5.70 17.06
CA TYR A 231 20.60 7.15 16.95
C TYR A 231 20.98 7.80 18.29
N GLY A 232 21.01 7.07 19.40
CA GLY A 232 21.51 7.62 20.65
C GLY A 232 20.47 8.38 21.47
N LYS A 233 20.91 8.82 22.66
CA LYS A 233 20.02 9.23 23.73
C LYS A 233 19.34 10.56 23.40
N ASP A 234 20.05 11.47 22.75
CA ASP A 234 19.57 12.83 22.55
C ASP A 234 18.38 12.81 21.59
N PHE A 235 18.52 12.08 20.48
CA PHE A 235 17.45 11.94 19.52
C PHE A 235 16.31 11.12 20.11
N LEU A 236 16.62 10.05 20.87
CA LEU A 236 15.56 9.25 21.45
C LEU A 236 14.71 10.12 22.39
N ASP A 237 15.36 10.96 23.20
CA ASP A 237 14.69 11.87 24.14
C ASP A 237 13.71 12.79 23.42
N GLN A 238 14.09 13.22 22.21
CA GLN A 238 13.25 14.09 21.41
C GLN A 238 12.00 13.34 20.97
N VAL A 239 12.13 12.06 20.65
CA VAL A 239 10.98 11.27 20.24
C VAL A 239 10.06 11.01 21.44
N LEU A 240 10.67 10.76 22.61
CA LEU A 240 9.89 10.50 23.81
C LEU A 240 9.08 11.74 24.22
N THR A 241 9.71 12.92 24.20
CA THR A 241 9.06 14.17 24.53
C THR A 241 7.87 14.39 23.58
N LEU A 242 8.12 14.37 22.27
CA LEU A 242 7.08 14.68 21.29
C LEU A 242 5.93 13.67 21.38
N GLY A 243 6.24 12.41 21.68
CA GLY A 243 5.23 11.36 21.74
C GLY A 243 4.48 11.29 23.07
N GLY A 244 5.02 11.89 24.15
CA GLY A 244 4.43 11.79 25.47
C GLY A 244 4.85 10.50 26.20
N TRP A 245 6.12 10.09 26.03
CA TRP A 245 6.59 8.78 26.49
C TRP A 245 7.87 8.93 27.31
N SER A 246 8.08 10.10 27.94
CA SER A 246 9.34 10.40 28.60
C SER A 246 9.26 10.01 30.09
N ASP A 247 8.16 9.39 30.51
CA ASP A 247 8.03 8.96 31.90
C ASP A 247 9.16 7.99 32.25
N ARG A 248 9.48 7.95 33.54
CA ARG A 248 10.61 7.22 34.07
C ARG A 248 10.39 5.73 33.87
N ARG A 249 9.13 5.30 33.93
CA ARG A 249 8.77 3.91 33.75
C ARG A 249 9.12 3.43 32.34
N MET A 250 8.64 4.17 31.33
CA MET A 250 8.90 3.82 29.95
C MET A 250 10.41 3.86 29.71
N ALA A 251 11.06 4.90 30.23
CA ALA A 251 12.47 5.15 29.98
C ALA A 251 13.35 4.04 30.57
N THR A 252 12.89 3.41 31.66
CA THR A 252 13.61 2.35 32.32
C THR A 252 13.51 1.06 31.50
N ARG A 253 12.32 0.79 30.95
CA ARG A 253 12.16 -0.39 30.11
C ARG A 253 13.02 -0.25 28.86
N ILE A 254 13.06 0.96 28.28
CA ILE A 254 13.85 1.24 27.09
C ILE A 254 15.34 0.97 27.38
N ALA A 255 15.82 1.45 28.53
CA ALA A 255 17.23 1.33 28.90
C ALA A 255 17.64 -0.15 28.98
N THR A 256 16.78 -0.92 29.65
CA THR A 256 16.97 -2.34 29.86
C THR A 256 17.01 -3.07 28.51
N ILE A 257 16.04 -2.77 27.65
CA ILE A 257 15.90 -3.47 26.39
C ILE A 257 17.00 -3.06 25.41
N ARG A 258 17.34 -1.77 25.39
CA ARG A 258 18.38 -1.27 24.51
C ARG A 258 19.72 -1.95 24.77
N ALA A 259 20.03 -2.26 26.04
CA ALA A 259 21.25 -2.97 26.39
C ALA A 259 21.31 -4.37 25.79
N THR A 260 20.17 -4.91 25.31
CA THR A 260 20.13 -6.22 24.68
C THR A 260 20.02 -6.12 23.15
N PHE A 261 19.92 -4.91 22.58
CA PHE A 261 19.48 -4.80 21.19
C PHE A 261 20.52 -5.40 20.23
N ALA A 262 21.80 -5.31 20.57
CA ALA A 262 22.83 -5.88 19.72
C ALA A 262 22.77 -7.41 19.77
N LEU A 263 22.41 -7.97 20.93
CA LEU A 263 22.26 -9.41 21.09
C LEU A 263 21.05 -9.90 20.29
N GLN A 264 20.01 -9.06 20.18
CA GLN A 264 18.85 -9.33 19.34
C GLN A 264 19.26 -9.43 17.86
N GLN A 265 20.13 -8.52 17.41
CA GLN A 265 20.55 -8.51 16.02
C GLN A 265 21.42 -9.74 15.76
N ALA A 266 22.26 -10.12 16.73
CA ALA A 266 23.17 -11.26 16.60
C ALA A 266 22.39 -12.58 16.59
N LEU A 267 21.34 -12.67 17.42
CA LEU A 267 20.51 -13.86 17.47
C LEU A 267 19.79 -14.07 16.13
N SER A 268 19.27 -12.97 15.56
CA SER A 268 18.61 -12.99 14.27
C SER A 268 19.59 -13.38 13.16
N ALA A 269 20.81 -12.84 13.21
CA ALA A 269 21.83 -13.14 12.21
C ALA A 269 22.28 -14.59 12.33
N CYS A 270 22.32 -15.10 13.56
CA CYS A 270 22.65 -16.50 13.81
C CYS A 270 21.63 -17.40 13.14
N ARG A 271 20.33 -17.10 13.32
CA ARG A 271 19.26 -17.97 12.88
C ARG A 271 19.01 -17.86 11.38
N ASP A 272 19.35 -16.72 10.76
CA ASP A 272 19.08 -16.56 9.34
C ASP A 272 20.36 -16.78 8.53
N GLY A 273 21.49 -17.05 9.20
CA GLY A 273 22.72 -17.45 8.54
C GLY A 273 23.58 -16.29 8.03
N ASP A 274 23.30 -15.07 8.51
CA ASP A 274 23.95 -13.87 8.00
C ASP A 274 25.22 -13.58 8.80
N GLU A 275 26.38 -13.87 8.20
CA GLU A 275 27.64 -13.97 8.93
C GLU A 275 28.19 -12.60 9.31
N GLU A 276 28.07 -11.60 8.43
CA GLU A 276 28.59 -10.28 8.71
C GLU A 276 27.72 -9.60 9.75
N GLU A 277 26.40 -9.81 9.63
CA GLU A 277 25.44 -9.30 10.58
C GLU A 277 25.72 -9.90 11.95
N LEU A 278 26.14 -11.18 11.99
CA LEU A 278 26.47 -11.86 13.23
C LEU A 278 27.75 -11.28 13.83
N ALA A 279 28.78 -11.07 13.00
CA ALA A 279 30.08 -10.58 13.47
C ALA A 279 29.92 -9.19 14.08
N ASP A 280 29.15 -8.34 13.40
CA ASP A 280 28.80 -7.01 13.86
C ASP A 280 28.10 -7.05 15.22
N GLY A 281 27.07 -7.89 15.33
CA GLY A 281 26.25 -7.97 16.52
C GLY A 281 27.01 -8.51 17.73
N LEU A 282 28.08 -9.28 17.48
CA LEU A 282 28.86 -9.88 18.57
C LEU A 282 30.10 -9.04 18.90
N THR A 283 30.25 -7.89 18.24
CA THR A 283 31.30 -6.94 18.54
C THR A 283 31.23 -6.60 20.03
N GLY A 284 32.33 -6.88 20.75
CA GLY A 284 32.44 -6.56 22.16
C GLY A 284 32.07 -7.73 23.06
N TYR A 285 31.65 -8.84 22.44
CA TYR A 285 31.30 -10.05 23.17
C TYR A 285 32.25 -11.21 22.83
N ARG A 286 33.23 -10.97 21.95
CA ARG A 286 34.21 -11.99 21.58
C ARG A 286 35.53 -11.32 21.18
N MET B 1 -3.15 35.60 -6.49
CA MET B 1 -2.26 34.91 -5.50
C MET B 1 -1.93 33.51 -6.02
N GLY B 2 -2.91 32.60 -6.02
CA GLY B 2 -2.70 31.23 -6.48
C GLY B 2 -2.75 30.20 -5.34
N ILE B 3 -2.73 28.92 -5.71
CA ILE B 3 -3.02 27.81 -4.81
C ILE B 3 -1.80 27.52 -3.93
N LEU B 4 -0.59 27.57 -4.51
CA LEU B 4 0.63 27.23 -3.80
C LEU B 4 0.92 28.26 -2.69
N GLN B 5 0.95 29.55 -3.03
CA GLN B 5 1.17 30.59 -2.05
C GLN B 5 0.06 30.57 -1.00
N ALA B 6 -1.21 30.47 -1.44
CA ALA B 6 -2.34 30.53 -0.53
C ALA B 6 -2.24 29.44 0.53
N ASN B 7 -1.81 28.24 0.11
CA ASN B 7 -1.84 27.06 0.96
C ASN B 7 -0.45 26.78 1.53
N ARG B 8 0.42 27.79 1.52
CA ARG B 8 1.85 27.62 1.72
C ARG B 8 2.17 27.19 3.15
N VAL B 9 1.44 27.75 4.13
CA VAL B 9 1.59 27.36 5.54
C VAL B 9 1.45 25.84 5.62
N LEU B 10 0.32 25.33 5.13
CA LEU B 10 0.00 23.92 5.19
C LEU B 10 1.08 23.08 4.50
N LEU B 11 1.51 23.49 3.30
CA LEU B 11 2.48 22.73 2.53
C LEU B 11 3.85 22.74 3.22
N SER B 12 4.16 23.80 3.98
CA SER B 12 5.41 23.85 4.73
C SER B 12 5.40 22.80 5.84
N ARG B 13 4.21 22.49 6.39
CA ARG B 13 4.06 21.41 7.36
C ARG B 13 4.08 20.05 6.67
N LEU B 14 3.35 19.91 5.56
CA LEU B 14 3.14 18.60 4.97
C LEU B 14 4.37 18.19 4.14
N LEU B 15 5.03 19.19 3.55
CA LEU B 15 6.18 19.00 2.69
C LEU B 15 7.34 19.87 3.18
N PRO B 16 7.86 19.62 4.41
CA PRO B 16 8.85 20.51 5.01
C PRO B 16 10.10 20.70 4.16
N GLY B 17 10.46 21.96 3.88
CA GLY B 17 11.68 22.24 3.15
C GLY B 17 11.51 22.08 1.64
N VAL B 18 10.29 21.79 1.19
CA VAL B 18 9.97 21.67 -0.22
C VAL B 18 9.55 23.05 -0.72
N GLU B 19 10.38 23.66 -1.58
CA GLU B 19 10.01 24.87 -2.29
C GLU B 19 8.66 24.67 -3.01
N PRO B 20 7.59 25.39 -2.59
CA PRO B 20 6.27 25.22 -3.20
C PRO B 20 6.15 25.50 -4.71
N GLU B 21 6.93 26.47 -5.21
CA GLU B 21 6.86 26.87 -6.61
C GLU B 21 7.46 25.81 -7.52
N GLY B 22 8.23 24.88 -6.94
CA GLY B 22 8.70 23.71 -7.68
C GLY B 22 7.64 22.63 -7.86
N LEU B 23 6.52 22.70 -7.14
CA LEU B 23 5.46 21.69 -7.21
C LEU B 23 4.57 21.93 -8.43
N THR B 24 3.79 20.90 -8.77
CA THR B 24 2.78 20.94 -9.82
C THR B 24 1.41 20.74 -9.18
N VAL B 25 0.42 21.50 -9.66
CA VAL B 25 -0.95 21.35 -9.19
C VAL B 25 -1.82 20.92 -10.38
N ARG B 26 -2.74 19.98 -10.13
CA ARG B 26 -3.69 19.55 -11.14
C ARG B 26 -5.11 19.93 -10.68
N HIS B 27 -5.85 20.56 -11.62
CA HIS B 27 -7.28 20.74 -11.51
C HIS B 27 -7.97 19.38 -11.59
N GLY B 28 -8.85 19.11 -10.62
CA GLY B 28 -9.51 17.80 -10.50
C GLY B 28 -11.02 17.90 -10.32
N GLN B 29 -11.61 16.85 -9.72
CA GLN B 29 -13.05 16.69 -9.60
C GLN B 29 -13.51 17.17 -8.22
N PHE B 30 -13.64 18.50 -8.07
CA PHE B 30 -13.92 19.15 -6.81
C PHE B 30 -12.70 19.06 -5.87
N HIS B 31 -11.50 18.98 -6.46
CA HIS B 31 -10.27 18.73 -5.71
C HIS B 31 -9.06 19.32 -6.44
N GLN B 32 -8.36 20.25 -5.78
CA GLN B 32 -7.01 20.62 -6.18
C GLN B 32 -6.03 19.61 -5.59
N VAL B 33 -5.06 19.15 -6.39
CA VAL B 33 -4.12 18.15 -5.91
C VAL B 33 -2.70 18.67 -6.15
N VAL B 34 -1.96 18.87 -5.06
CA VAL B 34 -0.58 19.30 -5.13
C VAL B 34 0.30 18.06 -5.19
N ILE B 35 1.07 17.92 -6.28
CA ILE B 35 1.91 16.76 -6.54
C ILE B 35 3.30 17.04 -5.98
N ALA B 36 3.73 16.17 -5.06
CA ALA B 36 5.11 16.09 -4.61
C ALA B 36 5.70 14.77 -5.13
N SER B 37 6.94 14.48 -4.76
CA SER B 37 7.69 13.37 -5.35
C SER B 37 7.05 12.02 -5.00
N ASP B 38 6.64 11.81 -3.74
CA ASP B 38 6.17 10.50 -3.31
C ASP B 38 4.74 10.55 -2.78
N ARG B 39 4.06 11.69 -2.94
CA ARG B 39 2.74 11.87 -2.36
C ARG B 39 2.10 13.14 -2.93
N VAL B 40 0.77 13.26 -2.75
CA VAL B 40 -0.01 14.38 -3.26
C VAL B 40 -0.86 14.90 -2.09
N VAL B 41 -1.20 16.19 -2.15
CA VAL B 41 -2.07 16.81 -1.18
C VAL B 41 -3.38 17.19 -1.86
N CYS B 42 -4.49 16.63 -1.37
CA CYS B 42 -5.81 16.90 -1.89
C CYS B 42 -6.49 18.01 -1.09
N LEU B 43 -6.78 19.12 -1.78
CA LEU B 43 -7.49 20.25 -1.18
C LEU B 43 -8.86 20.38 -1.84
N PRO B 44 -9.96 20.54 -1.07
CA PRO B 44 -11.28 20.70 -1.66
C PRO B 44 -11.51 22.10 -2.24
N ARG B 45 -11.96 22.18 -3.49
CA ARG B 45 -12.40 23.45 -4.07
C ARG B 45 -13.65 23.93 -3.33
N THR B 46 -14.71 23.11 -3.39
CA THR B 46 -16.04 23.47 -2.93
C THR B 46 -16.19 23.17 -1.44
N ALA B 47 -17.15 23.82 -0.80
CA ALA B 47 -17.45 23.58 0.61
C ALA B 47 -18.14 22.22 0.76
N ALA B 48 -18.75 21.72 -0.32
CA ALA B 48 -19.35 20.40 -0.37
C ALA B 48 -18.27 19.32 -0.35
N ALA B 49 -17.17 19.54 -1.09
CA ALA B 49 -16.07 18.60 -1.16
C ALA B 49 -15.29 18.57 0.16
N ALA B 50 -15.22 19.72 0.86
CA ALA B 50 -14.58 19.78 2.17
C ALA B 50 -15.33 18.92 3.18
N ALA B 51 -16.66 18.89 3.06
CA ALA B 51 -17.53 18.14 3.97
C ALA B 51 -17.43 16.64 3.73
N ARG B 52 -17.20 16.24 2.46
CA ARG B 52 -17.20 14.84 2.04
C ARG B 52 -15.80 14.23 2.10
N LEU B 53 -14.80 15.02 2.52
CA LEU B 53 -13.41 14.62 2.39
C LEU B 53 -13.02 13.59 3.46
N PRO B 54 -13.49 13.71 4.72
CA PRO B 54 -13.25 12.66 5.70
C PRO B 54 -13.76 11.30 5.23
N ARG B 55 -14.87 11.28 4.48
CA ARG B 55 -15.42 10.04 3.96
C ARG B 55 -14.50 9.46 2.89
N ARG B 56 -13.91 10.33 2.05
CA ARG B 56 -13.04 9.85 0.98
C ARG B 56 -11.79 9.22 1.59
N ALA B 57 -11.24 9.82 2.63
CA ALA B 57 -10.08 9.26 3.29
C ALA B 57 -10.38 7.85 3.78
N ALA B 58 -11.60 7.68 4.31
CA ALA B 58 -12.07 6.43 4.87
C ALA B 58 -12.13 5.36 3.78
N VAL B 59 -12.65 5.74 2.61
CA VAL B 59 -12.73 4.85 1.47
C VAL B 59 -11.32 4.44 1.04
N MET B 60 -10.38 5.38 1.08
CA MET B 60 -9.03 5.14 0.57
C MET B 60 -8.29 4.22 1.53
N ARG B 61 -8.64 4.32 2.82
CA ARG B 61 -8.10 3.46 3.86
C ARG B 61 -8.58 2.03 3.66
N VAL B 62 -9.87 1.87 3.31
CA VAL B 62 -10.47 0.57 3.04
C VAL B 62 -9.82 -0.04 1.79
N LEU B 63 -9.69 0.72 0.71
CA LEU B 63 -9.07 0.23 -0.51
C LEU B 63 -7.60 -0.19 -0.25
N ALA B 64 -6.91 0.55 0.63
CA ALA B 64 -5.51 0.27 0.95
C ALA B 64 -5.35 -1.08 1.65
N GLY B 65 -6.44 -1.60 2.22
CA GLY B 65 -6.42 -2.87 2.94
C GLY B 65 -6.98 -4.04 2.13
N LEU B 66 -7.42 -3.80 0.88
CA LEU B 66 -7.90 -4.87 0.02
C LEU B 66 -6.76 -5.60 -0.67
N ASP B 67 -7.03 -6.84 -1.08
CA ASP B 67 -6.10 -7.67 -1.83
C ASP B 67 -6.47 -7.61 -3.31
N LEU B 68 -5.78 -6.72 -4.04
CA LEU B 68 -6.09 -6.43 -5.43
C LEU B 68 -4.93 -6.83 -6.32
N GLY B 69 -3.81 -7.23 -5.72
CA GLY B 69 -2.61 -7.59 -6.47
C GLY B 69 -1.77 -6.37 -6.86
N CYS B 70 -2.02 -5.22 -6.22
CA CYS B 70 -1.31 -4.02 -6.59
C CYS B 70 -1.48 -2.92 -5.55
N ARG B 71 -0.82 -1.79 -5.80
CA ARG B 71 -0.88 -0.64 -4.92
C ARG B 71 -2.10 0.21 -5.21
N THR B 72 -2.54 0.91 -4.17
CA THR B 72 -3.52 1.98 -4.27
C THR B 72 -3.00 3.15 -3.44
N PRO B 73 -3.52 4.38 -3.67
CA PRO B 73 -3.09 5.55 -2.89
C PRO B 73 -3.51 5.45 -1.43
N ARG B 74 -2.50 5.36 -0.56
CA ARG B 74 -2.70 5.16 0.86
C ARG B 74 -2.80 6.51 1.55
N PRO B 75 -3.83 6.76 2.40
CA PRO B 75 -3.87 7.94 3.26
C PRO B 75 -2.69 7.96 4.23
N LEU B 76 -1.90 9.03 4.15
CA LEU B 76 -0.75 9.25 5.03
C LEU B 76 -1.10 10.28 6.10
N CYS B 77 -2.01 11.22 5.81
CA CYS B 77 -2.30 12.31 6.72
C CYS B 77 -3.64 12.95 6.36
N GLU B 78 -4.38 13.45 7.35
CA GLU B 78 -5.69 14.06 7.12
C GLU B 78 -5.89 15.21 8.10
N GLY B 79 -6.62 16.25 7.68
CA GLY B 79 -6.91 17.39 8.55
C GLY B 79 -8.08 18.21 8.05
N PRO B 88 -8.96 21.96 5.40
CA PRO B 88 -9.13 20.49 5.36
C PRO B 88 -8.44 19.84 4.16
N PHE B 89 -7.72 18.72 4.41
CA PHE B 89 -6.83 18.13 3.41
C PHE B 89 -6.66 16.63 3.62
N LEU B 90 -6.20 15.96 2.57
CA LEU B 90 -5.94 14.54 2.57
C LEU B 90 -4.65 14.31 1.79
N VAL B 91 -3.65 13.71 2.46
CA VAL B 91 -2.39 13.37 1.81
C VAL B 91 -2.42 11.88 1.42
N LEU B 92 -2.23 11.58 0.13
CA LEU B 92 -2.17 10.21 -0.37
C LEU B 92 -0.78 9.90 -0.94
N SER B 93 -0.30 8.68 -0.69
CA SER B 93 0.86 8.16 -1.40
C SER B 93 0.61 8.23 -2.90
N ARG B 94 1.68 8.51 -3.66
CA ARG B 94 1.69 8.33 -5.09
C ARG B 94 2.07 6.90 -5.42
N VAL B 95 1.40 6.35 -6.42
CA VAL B 95 1.65 5.02 -6.94
C VAL B 95 2.70 5.14 -8.04
N PRO B 96 3.76 4.31 -8.04
CA PRO B 96 4.74 4.31 -9.12
C PRO B 96 4.24 3.68 -10.41
N GLY B 97 4.98 3.94 -11.49
CA GLY B 97 4.71 3.35 -12.79
C GLY B 97 4.00 4.30 -13.73
N ALA B 98 3.69 3.80 -14.94
CA ALA B 98 3.08 4.61 -15.98
C ALA B 98 2.02 3.78 -16.70
N PRO B 99 1.04 4.41 -17.40
CA PRO B 99 0.06 3.66 -18.21
C PRO B 99 0.74 2.81 -19.27
N LEU B 100 0.06 1.73 -19.68
CA LEU B 100 0.55 0.87 -20.75
C LEU B 100 -0.03 1.36 -22.08
N GLU B 101 0.85 1.57 -23.07
CA GLU B 101 0.43 1.96 -24.41
C GLU B 101 -0.24 0.77 -25.07
N ALA B 102 -1.42 0.99 -25.65
CA ALA B 102 -2.16 -0.04 -26.35
C ALA B 102 -1.26 -0.82 -27.31
N ASP B 103 -0.28 -0.13 -27.92
CA ASP B 103 0.67 -0.74 -28.85
C ASP B 103 1.50 -1.85 -28.20
N ALA B 104 1.64 -1.84 -26.87
CA ALA B 104 2.45 -2.83 -26.18
C ALA B 104 1.85 -4.22 -26.32
N LEU B 105 0.51 -4.29 -26.48
CA LEU B 105 -0.22 -5.54 -26.55
C LEU B 105 -0.03 -6.29 -27.88
N GLU B 106 0.61 -5.67 -28.88
CA GLU B 106 0.87 -6.34 -30.15
C GLU B 106 1.65 -7.62 -29.88
N ASP B 107 2.62 -7.52 -28.95
CA ASP B 107 3.34 -8.68 -28.43
C ASP B 107 2.34 -9.53 -27.64
N SER B 108 2.18 -10.79 -28.03
CA SER B 108 1.17 -11.65 -27.42
C SER B 108 1.66 -12.20 -26.08
N LYS B 109 2.98 -12.18 -25.83
CA LYS B 109 3.53 -12.54 -24.52
C LYS B 109 3.17 -11.43 -23.52
N VAL B 110 3.31 -10.18 -23.96
CA VAL B 110 2.92 -9.03 -23.17
C VAL B 110 1.41 -9.06 -22.93
N ALA B 111 0.64 -9.42 -23.96
CA ALA B 111 -0.82 -9.37 -23.88
C ALA B 111 -1.35 -10.35 -22.85
N GLU B 112 -0.80 -11.57 -22.79
CA GLU B 112 -1.28 -12.59 -21.87
C GLU B 112 -0.97 -12.19 -20.42
N VAL B 113 0.21 -11.62 -20.23
CA VAL B 113 0.72 -11.29 -18.90
C VAL B 113 -0.06 -10.10 -18.33
N VAL B 114 -0.35 -9.11 -19.19
CA VAL B 114 -1.12 -7.95 -18.79
C VAL B 114 -2.55 -8.37 -18.49
N ALA B 115 -3.11 -9.23 -19.35
CA ALA B 115 -4.46 -9.76 -19.17
C ALA B 115 -4.61 -10.46 -17.82
N ALA B 116 -3.66 -11.35 -17.50
CA ALA B 116 -3.67 -12.12 -16.26
C ALA B 116 -3.67 -11.20 -15.04
N GLN B 117 -2.89 -10.12 -15.09
CA GLN B 117 -2.81 -9.18 -13.97
C GLN B 117 -4.11 -8.38 -13.85
N TYR B 118 -4.79 -8.12 -14.97
CA TYR B 118 -6.11 -7.49 -14.91
C TYR B 118 -7.11 -8.41 -14.23
N VAL B 119 -6.98 -9.73 -14.46
CA VAL B 119 -7.87 -10.71 -13.86
C VAL B 119 -7.75 -10.67 -12.33
N THR B 120 -6.52 -10.61 -11.81
CA THR B 120 -6.28 -10.54 -10.37
C THR B 120 -6.97 -9.31 -9.76
N LEU B 121 -6.78 -8.15 -10.39
CA LEU B 121 -7.32 -6.89 -9.90
C LEU B 121 -8.85 -6.95 -9.89
N LEU B 122 -9.44 -7.37 -11.00
CA LEU B 122 -10.90 -7.47 -11.11
C LEU B 122 -11.46 -8.52 -10.14
N SER B 123 -10.77 -9.66 -9.99
CA SER B 123 -11.17 -10.68 -9.01
C SER B 123 -11.15 -10.12 -7.60
N GLY B 124 -10.07 -9.40 -7.26
CA GLY B 124 -9.96 -8.78 -5.95
C GLY B 124 -11.10 -7.80 -5.69
N LEU B 125 -11.44 -7.02 -6.72
CA LEU B 125 -12.51 -6.05 -6.64
C LEU B 125 -13.86 -6.77 -6.48
N ALA B 126 -14.08 -7.82 -7.27
CA ALA B 126 -15.29 -8.63 -7.15
C ALA B 126 -15.41 -9.21 -5.74
N SER B 127 -14.35 -9.87 -5.26
CA SER B 127 -14.35 -10.51 -3.95
C SER B 127 -14.66 -9.50 -2.84
N ALA B 128 -14.07 -8.30 -2.95
CA ALA B 128 -14.20 -7.27 -1.93
C ALA B 128 -15.65 -6.78 -1.85
N GLY B 129 -16.42 -6.99 -2.91
CA GLY B 129 -17.86 -6.75 -2.90
C GLY B 129 -18.57 -7.20 -1.62
N ALA B 130 -18.14 -8.34 -1.02
CA ALA B 130 -18.80 -8.91 0.14
C ALA B 130 -18.20 -8.43 1.47
N ASP B 131 -17.09 -7.69 1.44
CA ASP B 131 -16.41 -7.26 2.65
C ASP B 131 -17.27 -6.21 3.38
N GLU B 132 -17.15 -6.20 4.73
CA GLU B 132 -18.03 -5.43 5.59
C GLU B 132 -17.60 -3.97 5.62
N LYS B 133 -16.30 -3.74 5.76
CA LYS B 133 -15.74 -2.39 5.68
C LYS B 133 -16.07 -1.77 4.32
N VAL B 134 -16.07 -2.59 3.26
CA VAL B 134 -16.36 -2.15 1.90
C VAL B 134 -17.82 -1.70 1.81
N ARG B 135 -18.76 -2.63 2.12
CA ARG B 135 -20.17 -2.37 1.93
C ARG B 135 -20.65 -1.28 2.88
N ALA B 136 -19.98 -1.15 4.04
CA ALA B 136 -20.21 -0.06 4.97
C ALA B 136 -19.74 1.28 4.41
N ALA B 137 -18.52 1.32 3.85
CA ALA B 137 -17.83 2.58 3.60
C ALA B 137 -18.05 3.10 2.18
N LEU B 138 -18.30 2.21 1.21
CA LEU B 138 -18.41 2.64 -0.17
C LEU B 138 -19.86 2.94 -0.53
N PRO B 139 -20.14 4.00 -1.34
CA PRO B 139 -21.48 4.23 -1.89
C PRO B 139 -21.98 3.04 -2.72
N ALA B 140 -23.28 2.76 -2.63
CA ALA B 140 -23.88 1.63 -3.29
C ALA B 140 -25.21 2.05 -3.92
N PRO B 141 -25.23 3.11 -4.75
CA PRO B 141 -26.48 3.73 -5.20
C PRO B 141 -27.39 2.83 -6.04
N GLN B 142 -28.70 3.04 -5.89
CA GLN B 142 -29.71 2.24 -6.58
C GLN B 142 -30.24 3.03 -7.78
N GLY B 143 -30.64 2.32 -8.84
CA GLY B 143 -31.29 2.93 -9.99
C GLY B 143 -30.34 3.75 -10.86
N ARG B 144 -29.04 3.43 -10.77
CA ARG B 144 -27.95 4.17 -11.39
C ARG B 144 -28.30 4.54 -12.84
N TRP B 145 -28.76 3.54 -13.59
CA TRP B 145 -28.90 3.61 -15.04
C TRP B 145 -30.22 4.26 -15.46
N ARG B 146 -31.24 4.19 -14.59
CA ARG B 146 -32.50 4.91 -14.79
C ARG B 146 -32.30 6.40 -14.50
N GLN B 147 -31.48 6.71 -13.48
CA GLN B 147 -31.24 8.09 -13.08
C GLN B 147 -30.40 8.82 -14.13
N PHE B 148 -29.43 8.10 -14.71
CA PHE B 148 -28.59 8.62 -15.77
C PHE B 148 -29.41 8.79 -17.06
N ALA B 149 -30.39 7.91 -17.28
CA ALA B 149 -31.24 7.97 -18.47
C ALA B 149 -32.11 9.23 -18.45
N ALA B 150 -32.59 9.60 -17.25
CA ALA B 150 -33.36 10.83 -17.05
C ALA B 150 -32.47 12.05 -17.22
N ASP B 151 -31.24 11.97 -16.70
CA ASP B 151 -30.28 13.06 -16.79
C ASP B 151 -29.97 13.36 -18.27
N VAL B 152 -29.77 12.30 -19.07
CA VAL B 152 -29.41 12.45 -20.48
C VAL B 152 -30.56 13.13 -21.24
N ARG B 153 -31.78 12.60 -21.10
CA ARG B 153 -32.96 13.15 -21.78
C ARG B 153 -33.14 14.62 -21.43
N ALA B 154 -32.97 14.97 -20.15
CA ALA B 154 -33.17 16.34 -19.69
C ALA B 154 -32.12 17.30 -20.29
N GLU B 155 -30.84 16.91 -20.21
CA GLU B 155 -29.76 17.86 -20.40
C GLU B 155 -29.14 17.78 -21.80
N LEU B 156 -29.22 16.62 -22.47
CA LEU B 156 -28.45 16.39 -23.69
C LEU B 156 -29.35 16.36 -24.94
N PHE B 157 -30.55 15.77 -24.83
CA PHE B 157 -31.47 15.70 -25.95
C PHE B 157 -31.70 17.09 -26.56
N PRO B 158 -31.97 18.15 -25.78
CA PRO B 158 -32.04 19.51 -26.34
C PRO B 158 -30.86 19.93 -27.23
N LEU B 159 -29.70 19.27 -27.10
CA LEU B 159 -28.51 19.61 -27.87
C LEU B 159 -28.35 18.72 -29.10
N MET B 160 -29.30 17.79 -29.31
CA MET B 160 -29.10 16.67 -30.21
C MET B 160 -29.98 16.82 -31.46
N SER B 161 -29.55 16.21 -32.57
CA SER B 161 -30.40 16.01 -33.73
C SER B 161 -31.51 15.02 -33.36
N ASP B 162 -32.50 14.86 -34.25
CA ASP B 162 -33.63 13.98 -33.98
C ASP B 162 -33.21 12.52 -34.21
N GLY B 163 -32.34 12.30 -35.21
CA GLY B 163 -31.74 10.99 -35.43
C GLY B 163 -30.80 10.58 -34.31
N GLY B 164 -30.01 11.56 -33.82
CA GLY B 164 -29.21 11.37 -32.62
C GLY B 164 -30.08 10.97 -31.43
N CYS B 165 -31.21 11.67 -31.28
CA CYS B 165 -32.15 11.45 -30.17
C CYS B 165 -32.76 10.05 -30.25
N ARG B 166 -32.96 9.54 -31.47
CA ARG B 166 -33.47 8.19 -31.70
C ARG B 166 -32.43 7.16 -31.24
N GLN B 167 -31.16 7.37 -31.62
CA GLN B 167 -30.08 6.46 -31.33
C GLN B 167 -29.87 6.38 -29.81
N ALA B 168 -29.83 7.54 -29.16
CA ALA B 168 -29.60 7.64 -27.73
C ALA B 168 -30.71 6.94 -26.96
N GLU B 169 -31.96 7.09 -27.43
CA GLU B 169 -33.12 6.52 -26.77
C GLU B 169 -33.07 4.99 -26.87
N ARG B 170 -32.50 4.48 -27.96
CA ARG B 170 -32.32 3.06 -28.19
C ARG B 170 -31.23 2.50 -27.27
N GLU B 171 -30.22 3.33 -26.97
CA GLU B 171 -29.13 2.96 -26.07
C GLU B 171 -29.55 3.13 -24.62
N LEU B 172 -30.46 4.07 -24.36
CA LEU B 172 -30.92 4.34 -23.01
C LEU B 172 -31.99 3.32 -22.62
N ALA B 173 -32.67 2.74 -23.62
CA ALA B 173 -33.69 1.72 -23.39
C ALA B 173 -33.00 0.42 -22.98
N ALA B 174 -32.02 -0.01 -23.80
CA ALA B 174 -31.15 -1.14 -23.50
C ALA B 174 -30.63 -1.08 -22.06
N LEU B 175 -30.25 0.13 -21.62
CA LEU B 175 -29.62 0.36 -20.33
C LEU B 175 -30.64 0.24 -19.20
N ASP B 176 -31.89 0.62 -19.47
CA ASP B 176 -32.98 0.51 -18.50
C ASP B 176 -33.30 -0.96 -18.24
N SER B 177 -33.11 -1.82 -19.25
CA SER B 177 -33.47 -3.22 -19.15
C SER B 177 -32.40 -4.03 -18.42
N LEU B 178 -31.25 -3.42 -18.10
CA LEU B 178 -30.18 -4.13 -17.41
C LEU B 178 -30.57 -4.28 -15.95
N PRO B 179 -30.19 -5.41 -15.29
CA PRO B 179 -30.38 -5.58 -13.85
C PRO B 179 -29.46 -4.66 -13.05
N ASP B 180 -29.97 -4.14 -11.93
CA ASP B 180 -29.22 -3.23 -11.08
C ASP B 180 -28.41 -4.06 -10.08
N ILE B 181 -27.17 -4.38 -10.47
CA ILE B 181 -26.29 -5.28 -9.75
C ILE B 181 -25.34 -4.46 -8.87
N THR B 182 -25.27 -4.80 -7.57
CA THR B 182 -24.31 -4.22 -6.66
C THR B 182 -23.52 -5.35 -5.96
N GLU B 183 -22.68 -6.05 -6.75
CA GLU B 183 -21.93 -7.21 -6.32
C GLU B 183 -20.48 -6.87 -6.00
N ALA B 184 -19.85 -6.06 -6.87
CA ALA B 184 -18.41 -5.83 -6.86
C ALA B 184 -18.07 -4.40 -6.43
N VAL B 185 -16.88 -4.22 -5.86
CA VAL B 185 -16.24 -2.91 -5.92
C VAL B 185 -15.96 -2.58 -7.38
N VAL B 186 -16.40 -1.39 -7.81
CA VAL B 186 -16.20 -0.93 -9.17
C VAL B 186 -15.38 0.37 -9.11
N HIS B 187 -14.23 0.37 -9.80
CA HIS B 187 -13.37 1.55 -9.87
C HIS B 187 -14.17 2.72 -10.46
N GLY B 188 -14.82 2.45 -11.60
CA GLY B 188 -15.79 3.37 -12.18
C GLY B 188 -15.21 4.20 -13.32
N ASN B 189 -13.90 4.06 -13.53
CA ASN B 189 -13.18 4.87 -14.50
C ASN B 189 -11.88 4.14 -14.84
N LEU B 190 -11.99 2.84 -15.15
CA LEU B 190 -10.82 1.97 -15.21
C LEU B 190 -10.22 2.01 -16.60
N GLY B 191 -9.93 3.23 -17.07
CA GLY B 191 -9.30 3.45 -18.36
C GLY B 191 -7.81 3.21 -18.26
N ALA B 192 -7.15 3.16 -19.43
CA ALA B 192 -5.74 2.87 -19.53
C ALA B 192 -4.91 3.83 -18.67
N GLU B 193 -5.37 5.08 -18.57
CA GLU B 193 -4.63 6.12 -17.89
C GLU B 193 -4.53 5.84 -16.40
N ASN B 194 -5.49 5.11 -15.83
CA ASN B 194 -5.63 5.00 -14.38
C ASN B 194 -5.03 3.69 -13.88
N VAL B 195 -4.37 2.93 -14.75
CA VAL B 195 -3.74 1.67 -14.39
C VAL B 195 -2.27 1.77 -14.74
N LEU B 196 -1.40 1.63 -13.72
CA LEU B 196 0.02 1.97 -13.81
C LEU B 196 0.89 0.72 -13.72
N TRP B 197 1.92 0.68 -14.57
CA TRP B 197 2.76 -0.49 -14.79
C TRP B 197 4.22 -0.15 -14.58
N VAL B 198 5.00 -1.18 -14.21
CA VAL B 198 6.44 -1.17 -14.22
C VAL B 198 6.92 -1.83 -15.51
N ARG B 199 7.53 -1.05 -16.41
CA ARG B 199 8.09 -1.55 -17.65
C ARG B 199 9.62 -1.58 -17.54
N ASP B 200 10.26 -2.23 -18.52
CA ASP B 200 11.70 -2.15 -18.71
C ASP B 200 12.43 -2.74 -17.49
N ASP B 201 11.71 -3.54 -16.69
CA ASP B 201 12.30 -4.60 -15.90
C ASP B 201 11.57 -5.89 -16.26
N GLY B 202 11.94 -6.49 -17.39
CA GLY B 202 11.22 -7.63 -17.95
C GLY B 202 9.85 -7.22 -18.47
N LEU B 203 8.90 -8.17 -18.48
CA LEU B 203 7.57 -7.93 -18.99
C LEU B 203 6.80 -7.03 -18.02
N PRO B 204 5.76 -6.31 -18.49
CA PRO B 204 5.03 -5.36 -17.65
C PRO B 204 4.42 -6.00 -16.41
N ARG B 205 4.63 -5.32 -15.27
CA ARG B 205 4.04 -5.71 -13.99
C ARG B 205 3.13 -4.60 -13.50
N LEU B 206 1.89 -4.95 -13.14
CA LEU B 206 0.94 -4.01 -12.58
C LEU B 206 1.50 -3.47 -11.26
N SER B 207 1.62 -2.15 -11.18
CA SER B 207 2.17 -1.47 -10.03
C SER B 207 1.02 -1.00 -9.13
N GLY B 208 0.01 -0.35 -9.74
CA GLY B 208 -1.16 0.06 -8.99
C GLY B 208 -2.20 0.80 -9.83
N VAL B 209 -3.30 1.18 -9.15
CA VAL B 209 -4.43 1.85 -9.77
C VAL B 209 -4.72 3.14 -9.02
N ILE B 210 -5.00 4.22 -9.77
CA ILE B 210 -5.27 5.55 -9.23
C ILE B 210 -6.65 6.02 -9.66
N ASP B 211 -7.03 7.20 -9.17
CA ASP B 211 -8.23 7.94 -9.51
C ASP B 211 -9.47 7.15 -9.08
N TRP B 212 -9.68 7.00 -7.77
CA TRP B 212 -10.78 6.26 -7.19
C TRP B 212 -11.95 7.16 -6.81
N ASP B 213 -12.07 8.34 -7.43
CA ASP B 213 -13.08 9.32 -7.06
C ASP B 213 -14.49 8.76 -7.25
N GLU B 214 -14.68 7.92 -8.27
CA GLU B 214 -16.03 7.48 -8.61
C GLU B 214 -16.26 6.04 -8.15
N VAL B 215 -15.60 5.62 -7.06
CA VAL B 215 -15.59 4.23 -6.65
C VAL B 215 -16.91 3.90 -5.96
N SER B 216 -17.44 2.71 -6.22
CA SER B 216 -18.72 2.30 -5.65
C SER B 216 -18.85 0.78 -5.61
N ILE B 217 -19.87 0.32 -4.87
CA ILE B 217 -20.40 -1.01 -5.05
C ILE B 217 -21.30 -0.99 -6.28
N GLY B 218 -20.94 -1.76 -7.31
CA GLY B 218 -21.81 -1.86 -8.47
C GLY B 218 -21.57 -3.12 -9.29
N ASP B 219 -21.67 -2.96 -10.61
CA ASP B 219 -21.63 -4.03 -11.58
C ASP B 219 -20.27 -4.01 -12.25
N PRO B 220 -19.49 -5.12 -12.20
CA PRO B 220 -18.13 -5.13 -12.74
C PRO B 220 -18.03 -4.91 -14.24
N ALA B 221 -19.13 -5.17 -14.97
CA ALA B 221 -19.18 -4.96 -16.41
C ALA B 221 -18.79 -3.52 -16.78
N GLU B 222 -19.08 -2.56 -15.91
CA GLU B 222 -18.66 -1.17 -16.07
C GLU B 222 -17.14 -1.06 -16.19
N ASP B 223 -16.40 -1.72 -15.28
CA ASP B 223 -14.95 -1.74 -15.32
C ASP B 223 -14.45 -2.50 -16.55
N LEU B 224 -15.11 -3.61 -16.90
CA LEU B 224 -14.70 -4.40 -18.06
C LEU B 224 -14.93 -3.61 -19.34
N ALA B 225 -16.02 -2.85 -19.41
CA ALA B 225 -16.28 -1.97 -20.55
C ALA B 225 -15.17 -0.94 -20.71
N ALA B 226 -14.77 -0.30 -19.60
CA ALA B 226 -13.70 0.70 -19.61
C ALA B 226 -12.40 0.10 -20.13
N ILE B 227 -12.08 -1.13 -19.70
CA ILE B 227 -10.90 -1.81 -20.22
C ILE B 227 -11.05 -1.98 -21.72
N GLY B 228 -12.25 -2.39 -22.14
CA GLY B 228 -12.55 -2.57 -23.56
C GLY B 228 -12.39 -1.27 -24.36
N ALA B 229 -12.95 -0.17 -23.84
CA ALA B 229 -12.82 1.13 -24.49
C ALA B 229 -11.34 1.46 -24.73
N GLY B 230 -10.47 1.17 -23.75
CA GLY B 230 -9.10 1.62 -23.79
C GLY B 230 -8.19 0.79 -24.68
N TYR B 231 -8.48 -0.52 -24.80
CA TYR B 231 -7.53 -1.44 -25.41
C TYR B 231 -8.14 -2.27 -26.54
N GLY B 232 -9.47 -2.19 -26.73
CA GLY B 232 -10.15 -2.86 -27.82
C GLY B 232 -10.65 -4.24 -27.40
N LYS B 233 -11.55 -4.81 -28.21
CA LYS B 233 -12.31 -5.99 -27.85
C LYS B 233 -11.44 -7.24 -27.81
N ASP B 234 -10.37 -7.30 -28.62
CA ASP B 234 -9.51 -8.47 -28.64
C ASP B 234 -8.79 -8.65 -27.30
N PHE B 235 -8.29 -7.54 -26.72
CA PHE B 235 -7.64 -7.61 -25.42
C PHE B 235 -8.68 -7.91 -24.35
N LEU B 236 -9.88 -7.32 -24.44
CA LEU B 236 -10.93 -7.54 -23.45
C LEU B 236 -11.40 -8.99 -23.47
N ASP B 237 -11.51 -9.60 -24.66
CA ASP B 237 -11.90 -11.00 -24.80
C ASP B 237 -10.91 -11.90 -24.06
N GLN B 238 -9.62 -11.57 -24.17
CA GLN B 238 -8.56 -12.30 -23.51
C GLN B 238 -8.78 -12.24 -21.99
N VAL B 239 -9.15 -11.06 -21.48
CA VAL B 239 -9.41 -10.88 -20.05
C VAL B 239 -10.63 -11.70 -19.64
N LEU B 240 -11.68 -11.68 -20.45
CA LEU B 240 -12.92 -12.31 -20.06
C LEU B 240 -12.75 -13.83 -20.06
N THR B 241 -11.93 -14.35 -21.00
CA THR B 241 -11.73 -15.79 -21.09
C THR B 241 -10.87 -16.27 -19.92
N LEU B 242 -9.77 -15.56 -19.59
CA LEU B 242 -8.90 -15.93 -18.48
C LEU B 242 -9.64 -15.88 -17.15
N GLY B 243 -10.51 -14.87 -16.98
CA GLY B 243 -11.22 -14.67 -15.73
C GLY B 243 -12.54 -15.43 -15.66
N GLY B 244 -12.91 -16.15 -16.72
CA GLY B 244 -14.15 -16.91 -16.73
C GLY B 244 -15.39 -16.02 -16.72
N TRP B 245 -15.32 -14.92 -17.47
CA TRP B 245 -16.38 -13.93 -17.53
C TRP B 245 -16.90 -13.79 -18.96
N SER B 246 -16.71 -14.84 -19.77
CA SER B 246 -16.90 -14.79 -21.22
C SER B 246 -18.29 -15.27 -21.62
N ASP B 247 -19.23 -15.33 -20.67
CA ASP B 247 -20.58 -15.82 -20.93
C ASP B 247 -21.36 -14.82 -21.80
N ARG B 248 -22.62 -15.21 -22.15
CA ARG B 248 -23.51 -14.38 -22.95
C ARG B 248 -23.95 -13.13 -22.17
N ARG B 249 -24.44 -13.33 -20.93
CA ARG B 249 -25.16 -12.29 -20.22
C ARG B 249 -24.24 -11.17 -19.74
N MET B 250 -22.96 -11.50 -19.51
CA MET B 250 -21.96 -10.51 -19.15
C MET B 250 -21.62 -9.67 -20.39
N ALA B 251 -21.48 -10.34 -21.55
CA ALA B 251 -21.11 -9.70 -22.81
C ALA B 251 -22.12 -8.63 -23.23
N THR B 252 -23.39 -8.87 -22.88
CA THR B 252 -24.49 -7.97 -23.16
C THR B 252 -24.47 -6.78 -22.22
N ARG B 253 -24.16 -7.00 -20.94
CA ARG B 253 -24.12 -5.90 -19.97
C ARG B 253 -22.95 -4.98 -20.29
N ILE B 254 -21.80 -5.57 -20.66
CA ILE B 254 -20.64 -4.78 -21.06
C ILE B 254 -21.04 -3.91 -22.26
N ALA B 255 -21.47 -4.56 -23.35
CA ALA B 255 -21.72 -3.91 -24.63
C ALA B 255 -22.72 -2.76 -24.46
N THR B 256 -23.65 -2.91 -23.51
CA THR B 256 -24.69 -1.94 -23.22
C THR B 256 -24.15 -0.75 -22.43
N ILE B 257 -23.37 -1.03 -21.38
CA ILE B 257 -22.71 0.04 -20.65
C ILE B 257 -21.73 0.74 -21.60
N ARG B 258 -20.97 -0.03 -22.38
CA ARG B 258 -19.97 0.53 -23.29
C ARG B 258 -20.61 1.58 -24.21
N ALA B 259 -21.85 1.30 -24.64
CA ALA B 259 -22.55 2.09 -25.63
C ALA B 259 -22.91 3.48 -25.09
N THR B 260 -22.86 3.65 -23.76
CA THR B 260 -23.26 4.89 -23.11
C THR B 260 -22.07 5.80 -22.80
N PHE B 261 -20.86 5.46 -23.26
CA PHE B 261 -19.66 6.12 -22.73
C PHE B 261 -19.53 7.54 -23.27
N ALA B 262 -19.90 7.75 -24.54
CA ALA B 262 -19.89 9.07 -25.15
C ALA B 262 -20.96 9.96 -24.49
N LEU B 263 -22.12 9.36 -24.19
CA LEU B 263 -23.19 10.07 -23.52
C LEU B 263 -22.79 10.49 -22.10
N GLN B 264 -22.08 9.59 -21.39
CA GLN B 264 -21.58 9.87 -20.05
C GLN B 264 -20.60 11.03 -20.10
N GLN B 265 -19.70 11.01 -21.09
CA GLN B 265 -18.73 12.07 -21.29
C GLN B 265 -19.44 13.39 -21.59
N ALA B 266 -20.44 13.34 -22.48
CA ALA B 266 -21.19 14.53 -22.86
C ALA B 266 -21.88 15.13 -21.63
N LEU B 267 -22.47 14.28 -20.80
CA LEU B 267 -23.21 14.75 -19.64
C LEU B 267 -22.26 15.38 -18.62
N SER B 268 -21.10 14.72 -18.39
CA SER B 268 -20.08 15.25 -17.51
C SER B 268 -19.58 16.61 -18.01
N ALA B 269 -19.16 16.66 -19.28
CA ALA B 269 -18.63 17.87 -19.90
C ALA B 269 -19.67 18.98 -19.95
N CYS B 270 -20.95 18.59 -20.07
CA CYS B 270 -22.06 19.53 -20.13
C CYS B 270 -22.22 20.25 -18.78
N ARG B 271 -22.04 19.48 -17.69
CA ARG B 271 -22.14 20.02 -16.34
C ARG B 271 -20.87 20.81 -15.99
N ASP B 272 -19.69 20.24 -16.27
CA ASP B 272 -18.41 20.80 -15.83
C ASP B 272 -18.03 22.05 -16.61
N GLY B 273 -18.80 22.41 -17.65
CA GLY B 273 -18.51 23.59 -18.45
C GLY B 273 -17.34 23.37 -19.41
N ASP B 274 -17.14 22.11 -19.81
CA ASP B 274 -16.05 21.74 -20.71
C ASP B 274 -16.63 21.50 -22.10
N GLU B 275 -16.39 22.45 -23.02
CA GLU B 275 -17.09 22.49 -24.30
C GLU B 275 -16.42 21.55 -25.30
N GLU B 276 -15.13 21.24 -25.08
CA GLU B 276 -14.35 20.39 -25.97
C GLU B 276 -14.82 18.94 -25.90
N GLU B 277 -14.98 18.46 -24.65
CA GLU B 277 -15.43 17.10 -24.36
C GLU B 277 -16.89 16.91 -24.77
N LEU B 278 -17.69 17.97 -24.59
CA LEU B 278 -19.11 17.94 -24.89
C LEU B 278 -19.31 17.66 -26.38
N ALA B 279 -18.61 18.44 -27.22
CA ALA B 279 -18.74 18.34 -28.67
C ALA B 279 -18.25 16.98 -29.16
N ASP B 280 -17.16 16.49 -28.55
CA ASP B 280 -16.56 15.21 -28.91
C ASP B 280 -17.48 14.06 -28.51
N GLY B 281 -18.06 14.16 -27.31
CA GLY B 281 -19.00 13.17 -26.79
C GLY B 281 -20.30 13.15 -27.60
N LEU B 282 -20.72 14.34 -28.08
CA LEU B 282 -21.97 14.49 -28.82
C LEU B 282 -21.78 14.13 -30.29
N THR B 283 -20.57 13.72 -30.68
CA THR B 283 -20.18 13.60 -32.09
C THR B 283 -21.25 12.88 -32.93
N GLY B 284 -21.70 11.69 -32.53
CA GLY B 284 -22.60 10.93 -33.39
C GLY B 284 -24.08 11.22 -33.18
N TYR B 285 -24.39 12.24 -32.37
CA TYR B 285 -25.74 12.46 -31.89
C TYR B 285 -26.28 13.82 -32.38
N ARG B 286 -25.50 14.51 -33.22
CA ARG B 286 -25.90 15.79 -33.78
C ARG B 286 -25.09 16.04 -35.06
#